data_2OPE
#
_entry.id   2OPE
#
_cell.length_a   76.836
_cell.length_b   76.836
_cell.length_c   89.663
_cell.angle_alpha   90.00
_cell.angle_beta   90.00
_cell.angle_gamma   90.00
#
_symmetry.space_group_name_H-M   'P 43'
#
loop_
_entity.id
_entity.type
_entity.pdbx_description
1 polymer PilX
2 water water
#
_entity_poly.entity_id   1
_entity_poly.type   'polypeptide(L)'
_entity_poly.pdbx_seq_one_letter_code
;ISEFEKGYQSQLYTEMVGINNISKQFILKNPLDDNQTIKSKLERFVSGYKMNPKIAEKYNVSVHFVNKEKPRAYSLVGVP
KTGTGYTLSVWMNSVGDGYKCRDAASARAHLETLSSDVGCEAFSNRKK
;
_entity_poly.pdbx_strand_id   A,B,C,D
#
# COMPACT_ATOMS: atom_id res chain seq x y z
N PHE A 4 -39.62 -0.22 16.36
CA PHE A 4 -38.76 0.87 16.92
C PHE A 4 -37.26 0.58 16.83
N GLU A 5 -36.84 -0.60 17.27
CA GLU A 5 -35.44 -0.93 17.24
C GLU A 5 -35.01 -1.02 15.78
N LYS A 6 -35.94 -1.41 14.91
CA LYS A 6 -35.74 -1.47 13.45
C LYS A 6 -35.52 -0.11 12.86
N GLY A 7 -36.29 0.87 13.27
CA GLY A 7 -36.07 2.25 12.89
C GLY A 7 -34.68 2.70 13.36
N TYR A 8 -34.28 2.32 14.57
CA TYR A 8 -32.95 2.71 15.08
C TYR A 8 -31.79 2.09 14.25
N GLN A 9 -31.97 0.85 13.83
CA GLN A 9 -31.02 0.19 12.98
C GLN A 9 -30.92 0.85 11.59
N SER A 10 -32.06 1.39 11.11
CA SER A 10 -32.04 2.16 9.87
C SER A 10 -31.24 3.44 10.03
N GLN A 11 -31.52 4.22 11.06
CA GLN A 11 -30.76 5.46 11.21
C GLN A 11 -29.27 5.17 11.37
N LEU A 12 -28.93 4.14 12.12
CA LEU A 12 -27.52 3.70 12.27
C LEU A 12 -26.96 3.40 10.87
N TYR A 13 -27.77 2.75 10.03
CA TYR A 13 -27.26 2.40 8.74
C TYR A 13 -26.89 3.71 8.00
N THR A 14 -27.83 4.64 7.99
CA THR A 14 -27.67 5.93 7.35
C THR A 14 -26.54 6.78 7.94
N GLU A 15 -26.30 6.67 9.24
CA GLU A 15 -25.18 7.40 9.84
C GLU A 15 -23.88 6.78 9.33
N MET A 16 -23.87 5.47 9.20
CA MET A 16 -22.62 4.78 8.87
C MET A 16 -22.26 5.07 7.46
N VAL A 17 -23.28 5.14 6.59
CA VAL A 17 -23.04 5.57 5.20
C VAL A 17 -22.41 6.96 5.16
N GLY A 18 -22.96 7.89 5.93
CA GLY A 18 -22.39 9.24 6.11
C GLY A 18 -20.93 9.23 6.56
N ILE A 19 -20.63 8.46 7.59
CA ILE A 19 -19.25 8.23 8.05
C ILE A 19 -18.34 7.61 6.98
N ASN A 20 -18.82 6.57 6.30
CA ASN A 20 -18.12 5.97 5.17
C ASN A 20 -17.80 7.01 4.06
N ASN A 21 -18.76 7.86 3.72
CA ASN A 21 -18.55 8.77 2.61
C ASN A 21 -17.50 9.84 2.94
N ILE A 22 -17.51 10.33 4.17
CA ILE A 22 -16.50 11.27 4.59
C ILE A 22 -15.12 10.61 4.71
N SER A 23 -15.07 9.36 5.19
CA SER A 23 -13.84 8.62 5.24
C SER A 23 -13.23 8.47 3.84
N LYS A 24 -14.06 8.09 2.89
CA LYS A 24 -13.56 7.83 1.55
C LYS A 24 -13.04 9.14 0.91
N GLN A 25 -13.78 10.23 1.05
CA GLN A 25 -13.58 11.43 0.24
C GLN A 25 -12.58 12.39 0.91
N PHE A 26 -12.45 12.28 2.24
CA PHE A 26 -11.55 13.13 2.99
C PHE A 26 -10.36 12.38 3.56
N ILE A 27 -10.45 11.09 3.77
CA ILE A 27 -9.28 10.42 4.35
C ILE A 27 -8.54 9.54 3.33
N LEU A 28 -9.28 8.61 2.71
CA LEU A 28 -8.74 7.74 1.69
C LEU A 28 -8.17 8.54 0.50
N LYS A 29 -8.77 9.69 0.24
CA LYS A 29 -8.53 10.44 -0.99
C LYS A 29 -7.25 11.25 -0.92
N ASN A 30 -6.75 11.51 0.27
CA ASN A 30 -5.46 12.15 0.45
C ASN A 30 -4.43 11.43 -0.43
N PRO A 31 -3.77 12.19 -1.31
CA PRO A 31 -2.92 11.68 -2.34
C PRO A 31 -1.63 11.14 -1.79
N LEU A 32 -1.14 11.72 -0.70
CA LEU A 32 0.23 11.42 -0.27
C LEU A 32 0.42 10.82 1.16
N ASP A 33 -0.58 10.86 2.05
CA ASP A 33 -0.48 10.16 3.34
C ASP A 33 -0.05 8.68 3.13
N ASP A 34 0.81 8.18 4.03
CA ASP A 34 1.21 6.78 4.05
C ASP A 34 0.15 5.91 4.76
N ASN A 35 0.27 4.59 4.61
CA ASN A 35 -0.78 3.70 5.09
C ASN A 35 -0.96 3.71 6.59
N GLN A 36 0.14 3.95 7.31
CA GLN A 36 0.08 4.09 8.75
C GLN A 36 -0.71 5.35 9.15
N THR A 37 -0.54 6.43 8.41
CA THR A 37 -1.28 7.67 8.61
C THR A 37 -2.76 7.57 8.25
N ILE A 38 -3.07 6.92 7.13
CA ILE A 38 -4.46 6.72 6.73
C ILE A 38 -5.16 5.89 7.81
N LYS A 39 -4.51 4.82 8.26
CA LYS A 39 -5.10 3.91 9.22
C LYS A 39 -5.42 4.61 10.55
N SER A 40 -4.46 5.35 11.12
CA SER A 40 -4.78 6.00 12.41
C SER A 40 -5.76 7.14 12.26
N LYS A 41 -5.65 7.89 11.17
CA LYS A 41 -6.71 8.87 10.85
C LYS A 41 -8.11 8.23 10.75
N LEU A 42 -8.25 7.12 10.05
CA LEU A 42 -9.56 6.49 10.01
C LEU A 42 -10.07 6.18 11.41
N GLU A 43 -9.19 5.58 12.22
CA GLU A 43 -9.48 5.16 13.59
C GLU A 43 -9.87 6.34 14.49
N ARG A 44 -9.13 7.44 14.42
CA ARG A 44 -9.49 8.64 15.19
C ARG A 44 -10.79 9.24 14.72
N PHE A 45 -10.96 9.34 13.41
CA PHE A 45 -12.13 10.01 12.88
C PHE A 45 -13.38 9.24 13.26
N VAL A 46 -13.40 7.96 12.91
CA VAL A 46 -14.54 7.09 13.20
C VAL A 46 -14.88 6.99 14.67
N SER A 47 -13.86 6.81 15.49
CA SER A 47 -14.13 6.61 16.90
C SER A 47 -14.52 7.90 17.58
N GLY A 48 -14.15 9.03 16.99
CA GLY A 48 -14.52 10.30 17.61
C GLY A 48 -15.73 10.97 16.98
N TYR A 49 -16.38 10.32 16.01
CA TYR A 49 -17.43 10.98 15.24
C TYR A 49 -18.68 10.99 16.12
N LYS A 50 -19.43 12.09 16.10
CA LYS A 50 -20.63 12.29 16.91
C LYS A 50 -21.92 12.11 16.07
N MET A 51 -22.53 10.92 16.15
CA MET A 51 -23.76 10.66 15.42
C MET A 51 -24.93 11.45 16.02
N ASN A 52 -26.03 11.54 15.29
CA ASN A 52 -27.27 12.00 15.88
C ASN A 52 -27.36 11.46 17.30
N PRO A 53 -27.61 12.33 18.28
CA PRO A 53 -27.57 11.86 19.68
C PRO A 53 -28.55 10.72 20.04
N LYS A 54 -29.74 10.73 19.44
CA LYS A 54 -30.59 9.53 19.49
C LYS A 54 -29.78 8.25 19.18
N ILE A 55 -28.94 8.26 18.15
CA ILE A 55 -28.22 7.05 17.76
C ILE A 55 -26.98 6.79 18.62
N ALA A 56 -26.22 7.83 18.91
CA ALA A 56 -24.99 7.73 19.71
C ALA A 56 -25.21 7.17 21.10
N GLU A 57 -26.37 7.43 21.67
CA GLU A 57 -26.74 6.88 22.95
C GLU A 57 -26.79 5.35 22.93
N LYS A 58 -27.12 4.80 21.78
CA LYS A 58 -27.48 3.39 21.69
C LYS A 58 -26.46 2.48 21.02
N TYR A 59 -25.62 3.05 20.14
CA TYR A 59 -24.70 2.29 19.30
C TYR A 59 -23.27 2.75 19.40
N ASN A 60 -22.32 1.81 19.26
CA ASN A 60 -20.91 2.13 18.98
C ASN A 60 -20.50 1.84 17.54
N VAL A 61 -19.78 2.75 16.90
CA VAL A 61 -19.29 2.51 15.56
C VAL A 61 -17.74 2.39 15.56
N SER A 62 -17.21 1.37 14.88
CA SER A 62 -15.75 1.19 14.85
C SER A 62 -15.34 0.80 13.44
N VAL A 63 -14.06 0.98 13.09
CA VAL A 63 -13.49 0.71 11.74
C VAL A 63 -12.44 -0.43 11.87
N HIS A 64 -12.38 -1.30 10.87
CA HIS A 64 -11.60 -2.52 11.01
C HIS A 64 -10.82 -2.80 9.75
N PHE A 65 -9.67 -3.45 9.88
CA PHE A 65 -8.72 -3.62 8.81
C PHE A 65 -8.28 -5.07 8.78
N VAL A 66 -8.23 -5.65 7.61
CA VAL A 66 -7.65 -6.96 7.54
C VAL A 66 -6.15 -6.83 7.51
N ASN A 67 -5.70 -5.81 6.79
CA ASN A 67 -4.30 -5.62 6.44
C ASN A 67 -3.98 -4.15 6.65
N LYS A 68 -3.14 -3.88 7.64
CA LYS A 68 -2.72 -2.52 7.95
C LYS A 68 -2.00 -1.88 6.78
N GLU A 69 -1.66 -2.65 5.77
CA GLU A 69 -0.94 -2.05 4.63
C GLU A 69 -1.92 -1.79 3.46
N LYS A 70 -3.15 -2.27 3.63
CA LYS A 70 -4.23 -1.93 2.74
C LYS A 70 -5.35 -1.26 3.53
N PRO A 71 -5.08 -0.08 4.10
CA PRO A 71 -6.09 0.58 4.94
C PRO A 71 -7.32 1.08 4.18
N ARG A 72 -7.22 1.26 2.86
CA ARG A 72 -8.36 1.66 2.05
C ARG A 72 -9.40 0.57 1.97
N ALA A 73 -8.99 -0.68 2.20
CA ALA A 73 -9.92 -1.80 2.41
C ALA A 73 -10.20 -1.91 3.90
N TYR A 74 -11.30 -1.30 4.34
CA TYR A 74 -11.70 -1.42 5.75
C TYR A 74 -13.21 -1.70 5.74
N SER A 75 -13.74 -2.04 6.89
CA SER A 75 -15.17 -2.09 7.10
C SER A 75 -15.56 -1.34 8.37
N LEU A 76 -16.80 -0.89 8.41
CA LEU A 76 -17.35 -0.27 9.58
C LEU A 76 -18.31 -1.24 10.23
N VAL A 77 -18.21 -1.36 11.54
CA VAL A 77 -19.13 -2.18 12.32
C VAL A 77 -20.00 -1.28 13.24
N GLY A 78 -21.31 -1.43 13.22
CA GLY A 78 -22.15 -0.61 14.09
C GLY A 78 -22.87 -1.58 15.01
N VAL A 79 -22.67 -1.49 16.32
CA VAL A 79 -23.36 -2.44 17.19
C VAL A 79 -23.90 -1.74 18.41
N PRO A 80 -24.94 -2.32 19.02
CA PRO A 80 -25.57 -1.71 20.16
C PRO A 80 -24.60 -1.66 21.35
N LYS A 81 -24.68 -0.61 22.15
CA LYS A 81 -23.96 -0.52 23.42
C LYS A 81 -24.30 -1.70 24.35
N THR A 82 -23.29 -2.12 25.12
CA THR A 82 -23.37 -3.29 25.99
C THR A 82 -24.47 -3.11 27.02
N GLY A 83 -25.39 -4.09 27.05
CA GLY A 83 -26.31 -4.28 28.17
C GLY A 83 -27.63 -3.56 28.02
N THR A 84 -27.94 -3.17 26.78
CA THR A 84 -29.11 -2.33 26.51
C THR A 84 -30.32 -3.07 25.96
N GLY A 85 -30.20 -4.37 25.70
CA GLY A 85 -31.33 -5.13 25.19
C GLY A 85 -31.44 -5.02 23.66
N TYR A 86 -30.66 -4.16 23.04
CA TYR A 86 -30.72 -4.06 21.59
C TYR A 86 -29.77 -5.08 20.98
N THR A 87 -30.16 -5.59 19.82
CA THR A 87 -29.38 -6.62 19.08
C THR A 87 -29.03 -6.26 17.61
N LEU A 88 -29.96 -5.63 16.91
CA LEU A 88 -29.80 -5.35 15.50
C LEU A 88 -28.53 -4.56 15.33
N SER A 89 -27.77 -4.88 14.28
CA SER A 89 -26.50 -4.24 14.03
C SER A 89 -26.35 -3.94 12.54
N VAL A 90 -25.21 -3.37 12.16
CA VAL A 90 -24.90 -3.04 10.77
C VAL A 90 -23.40 -3.26 10.57
N TRP A 91 -22.99 -3.71 9.37
CA TRP A 91 -21.60 -3.50 8.97
C TRP A 91 -21.55 -3.05 7.52
N MET A 92 -20.41 -2.47 7.11
CA MET A 92 -20.21 -2.12 5.71
C MET A 92 -18.72 -2.03 5.28
N ASN A 93 -18.53 -2.17 3.97
CA ASN A 93 -17.31 -2.00 3.16
C ASN A 93 -16.92 -0.54 2.98
N SER A 94 -15.64 -0.25 2.79
CA SER A 94 -15.23 1.03 2.20
C SER A 94 -15.63 1.13 0.78
N VAL A 95 -15.98 0.00 0.16
CA VAL A 95 -16.39 -0.07 -1.23
C VAL A 95 -17.90 0.19 -1.40
N GLY A 96 -18.63 0.20 -0.30
CA GLY A 96 -20.03 0.62 -0.33
C GLY A 96 -21.07 -0.47 -0.12
N ASP A 97 -20.65 -1.73 -0.02
CA ASP A 97 -21.60 -2.81 0.30
C ASP A 97 -21.93 -2.78 1.79
N GLY A 98 -23.20 -2.55 2.11
CA GLY A 98 -23.67 -2.50 3.49
C GLY A 98 -24.69 -3.57 3.85
N TYR A 99 -24.82 -3.83 5.15
CA TYR A 99 -25.59 -4.99 5.63
C TYR A 99 -26.36 -4.68 6.90
N LYS A 100 -27.58 -5.19 6.98
CA LYS A 100 -28.36 -5.12 8.23
C LYS A 100 -28.26 -6.48 8.92
N CYS A 101 -27.83 -6.49 10.17
CA CYS A 101 -27.55 -7.75 10.87
C CYS A 101 -28.46 -7.95 12.02
N ARG A 102 -28.74 -9.23 12.30
CA ARG A 102 -29.74 -9.60 13.32
C ARG A 102 -29.12 -9.60 14.70
N ASP A 103 -27.78 -9.59 14.78
CA ASP A 103 -27.03 -9.59 16.06
C ASP A 103 -25.64 -9.04 15.86
N ALA A 104 -25.07 -8.46 16.92
CA ALA A 104 -23.70 -7.92 16.94
C ALA A 104 -22.59 -8.87 16.50
N ALA A 105 -22.67 -10.14 16.88
CA ALA A 105 -21.68 -11.11 16.46
C ALA A 105 -21.60 -11.16 14.95
N SER A 106 -22.75 -11.27 14.27
CA SER A 106 -22.81 -11.33 12.79
C SER A 106 -22.20 -10.07 12.12
N ALA A 107 -22.38 -8.90 12.75
CA ALA A 107 -21.73 -7.67 12.27
C ALA A 107 -20.21 -7.76 12.46
N ARG A 108 -19.75 -8.23 13.62
CA ARG A 108 -18.30 -8.34 13.83
C ARG A 108 -17.69 -9.38 12.92
N ALA A 109 -18.50 -10.38 12.55
CA ALA A 109 -18.07 -11.44 11.61
C ALA A 109 -18.26 -11.08 10.09
N HIS A 110 -18.90 -9.93 9.83
CA HIS A 110 -19.09 -9.44 8.46
C HIS A 110 -19.76 -10.48 7.63
N LEU A 111 -20.79 -11.09 8.20
CA LEU A 111 -21.56 -12.06 7.47
C LEU A 111 -22.40 -11.31 6.42
N GLU A 112 -22.74 -12.03 5.35
CA GLU A 112 -23.32 -11.49 4.13
C GLU A 112 -24.70 -12.09 3.90
N THR A 113 -25.05 -13.17 4.58
CA THR A 113 -26.38 -13.79 4.40
C THR A 113 -26.94 -14.14 5.77
N LEU A 114 -28.21 -14.53 5.80
CA LEU A 114 -28.94 -14.97 6.99
C LEU A 114 -29.08 -16.47 7.04
N SER A 115 -29.24 -16.99 8.25
CA SER A 115 -29.40 -18.40 8.43
C SER A 115 -30.13 -18.57 9.72
N SER A 116 -31.29 -19.20 9.63
CA SER A 116 -32.26 -19.14 10.70
C SER A 116 -32.37 -17.66 11.00
N ASP A 117 -32.22 -17.24 12.24
CA ASP A 117 -32.33 -15.80 12.51
C ASP A 117 -31.01 -15.17 12.96
N VAL A 118 -29.90 -15.66 12.38
CA VAL A 118 -28.55 -15.21 12.67
C VAL A 118 -27.98 -14.75 11.35
N GLY A 119 -27.17 -13.68 11.36
CA GLY A 119 -26.45 -13.27 10.17
C GLY A 119 -26.88 -11.90 9.75
N CYS A 120 -26.64 -11.55 8.48
CA CYS A 120 -26.93 -10.21 7.92
C CYS A 120 -27.55 -10.33 6.54
N GLU A 121 -28.25 -9.26 6.12
CA GLU A 121 -28.61 -9.16 4.71
C GLU A 121 -28.19 -7.85 4.02
N ALA A 122 -27.75 -7.97 2.76
CA ALA A 122 -27.40 -6.83 1.90
C ALA A 122 -28.47 -5.77 1.96
N PHE A 123 -28.08 -4.53 2.23
CA PHE A 123 -29.04 -3.44 2.24
C PHE A 123 -28.68 -2.34 1.26
N PHE B 4 19.70 29.42 -24.81
CA PHE B 4 18.53 28.66 -25.37
C PHE B 4 18.28 27.31 -24.69
N GLU B 5 19.31 26.52 -24.49
CA GLU B 5 19.07 25.26 -23.82
C GLU B 5 18.60 25.50 -22.39
N LYS B 6 19.11 26.54 -21.73
CA LYS B 6 18.72 26.82 -20.34
C LYS B 6 17.24 27.15 -20.26
N GLY B 7 16.78 27.90 -21.26
CA GLY B 7 15.39 28.34 -21.38
C GLY B 7 14.52 27.13 -21.65
N TYR B 8 15.00 26.19 -22.46
CA TYR B 8 14.25 24.96 -22.73
C TYR B 8 14.09 24.11 -21.47
N GLN B 9 15.17 23.95 -20.72
CA GLN B 9 15.11 23.30 -19.41
C GLN B 9 14.10 23.93 -18.42
N SER B 10 14.07 25.27 -18.35
CA SER B 10 13.08 26.01 -17.55
C SER B 10 11.66 25.66 -17.96
N GLN B 11 11.40 25.62 -19.27
CA GLN B 11 10.07 25.26 -19.73
C GLN B 11 9.72 23.80 -19.48
N LEU B 12 10.70 22.91 -19.58
CA LEU B 12 10.48 21.48 -19.29
C LEU B 12 10.16 21.39 -17.82
N TYR B 13 10.86 22.21 -17.03
CA TYR B 13 10.64 22.15 -15.60
C TYR B 13 9.19 22.49 -15.30
N THR B 14 8.69 23.54 -15.92
CA THR B 14 7.32 24.04 -15.74
C THR B 14 6.24 23.10 -16.31
N GLU B 15 6.48 22.53 -17.49
CA GLU B 15 5.62 21.43 -18.05
C GLU B 15 5.54 20.29 -17.04
N MET B 16 6.68 19.88 -16.49
CA MET B 16 6.69 18.72 -15.59
C MET B 16 5.97 18.99 -14.25
N VAL B 17 6.08 20.22 -13.70
CA VAL B 17 5.26 20.63 -12.56
C VAL B 17 3.76 20.44 -12.84
N GLY B 18 3.30 20.82 -14.05
CA GLY B 18 1.92 20.62 -14.50
C GLY B 18 1.52 19.16 -14.55
N ILE B 19 2.40 18.32 -15.08
CA ILE B 19 2.21 16.86 -15.07
C ILE B 19 2.12 16.32 -13.64
N ASN B 20 2.98 16.82 -12.75
CA ASN B 20 3.01 16.37 -11.36
C ASN B 20 1.71 16.77 -10.63
N ASN B 21 1.26 17.98 -10.86
CA ASN B 21 0.02 18.42 -10.22
C ASN B 21 -1.18 17.64 -10.71
N ILE B 22 -1.28 17.35 -12.01
CA ILE B 22 -2.38 16.54 -12.46
C ILE B 22 -2.37 15.15 -11.84
N SER B 23 -1.19 14.52 -11.84
CA SER B 23 -1.02 13.18 -11.30
C SER B 23 -1.43 13.14 -9.88
N LYS B 24 -1.05 14.16 -9.13
CA LYS B 24 -1.43 14.26 -7.73
C LYS B 24 -2.96 14.40 -7.56
N GLN B 25 -3.55 15.34 -8.26
CA GLN B 25 -4.96 15.70 -7.93
C GLN B 25 -6.01 14.76 -8.56
N PHE B 26 -5.62 14.08 -9.64
CA PHE B 26 -6.51 13.26 -10.42
C PHE B 26 -6.20 11.77 -10.35
N ILE B 27 -5.00 11.40 -9.96
CA ILE B 27 -4.64 9.97 -9.92
C ILE B 27 -4.30 9.49 -8.50
N LEU B 28 -3.44 10.23 -7.81
CA LEU B 28 -3.12 9.88 -6.44
C LEU B 28 -4.32 10.02 -5.53
N LYS B 29 -5.22 10.95 -5.84
CA LYS B 29 -6.39 11.27 -5.01
C LYS B 29 -7.53 10.40 -5.46
N ASN B 30 -7.35 9.11 -5.40
CA ASN B 30 -8.43 8.20 -5.70
C ASN B 30 -8.57 7.36 -4.46
N PRO B 31 -9.76 7.41 -3.83
CA PRO B 31 -9.93 6.80 -2.53
C PRO B 31 -9.66 5.31 -2.59
N LEU B 32 -10.08 4.62 -3.65
CA LEU B 32 -10.11 3.17 -3.60
C LEU B 32 -9.27 2.40 -4.61
N ASP B 33 -8.73 3.06 -5.61
CA ASP B 33 -7.84 2.38 -6.54
C ASP B 33 -6.76 1.61 -5.78
N ASP B 34 -6.50 0.36 -6.16
CA ASP B 34 -5.36 -0.35 -5.60
C ASP B 34 -4.00 0.11 -6.17
N ASN B 35 -2.89 -0.44 -5.63
CA ASN B 35 -1.53 0.05 -5.94
C ASN B 35 -1.08 -0.23 -7.39
N GLN B 36 -1.50 -1.39 -7.89
CA GLN B 36 -1.33 -1.82 -9.25
C GLN B 36 -2.05 -0.85 -10.21
N THR B 37 -3.30 -0.51 -9.91
CA THR B 37 -4.06 0.52 -10.64
C THR B 37 -3.42 1.92 -10.65
N ILE B 38 -3.10 2.47 -9.48
CA ILE B 38 -2.46 3.77 -9.42
C ILE B 38 -1.19 3.79 -10.27
N LYS B 39 -0.34 2.78 -10.13
CA LYS B 39 0.96 2.70 -10.87
C LYS B 39 0.69 2.70 -12.39
N SER B 40 -0.09 1.72 -12.86
CA SER B 40 -0.38 1.66 -14.28
C SER B 40 -1.05 2.95 -14.85
N LYS B 41 -2.06 3.50 -14.17
CA LYS B 41 -2.54 4.88 -14.44
C LYS B 41 -1.47 5.96 -14.53
N LEU B 42 -0.58 6.00 -13.56
CA LEU B 42 0.48 6.98 -13.58
C LEU B 42 1.28 6.77 -14.86
N GLU B 43 1.66 5.52 -15.15
CA GLU B 43 2.50 5.24 -16.30
C GLU B 43 1.87 5.64 -17.63
N ARG B 44 0.60 5.35 -17.82
CA ARG B 44 -0.08 5.67 -19.03
C ARG B 44 -0.26 7.17 -19.16
N PHE B 45 -0.56 7.84 -18.04
CA PHE B 45 -0.89 9.22 -18.16
C PHE B 45 0.37 9.93 -18.53
N VAL B 46 1.44 9.62 -17.82
CA VAL B 46 2.72 10.30 -18.02
C VAL B 46 3.33 10.05 -19.38
N SER B 47 3.40 8.80 -19.83
CA SER B 47 4.01 8.57 -21.14
C SER B 47 3.15 9.13 -22.28
N GLY B 48 1.84 9.17 -22.06
CA GLY B 48 0.91 9.69 -23.07
C GLY B 48 0.73 11.21 -23.11
N TYR B 49 1.10 11.88 -22.04
CA TYR B 49 0.91 13.33 -21.99
C TYR B 49 1.69 14.00 -23.12
N LYS B 50 1.09 15.01 -23.73
CA LYS B 50 1.74 15.81 -24.78
C LYS B 50 2.01 17.27 -24.34
N MET B 51 3.26 17.58 -23.97
CA MET B 51 3.70 18.91 -23.58
C MET B 51 3.66 19.89 -24.77
N ASN B 52 3.86 21.16 -24.50
CA ASN B 52 4.11 22.13 -25.55
C ASN B 52 4.93 21.44 -26.63
N PRO B 53 4.47 21.49 -27.87
CA PRO B 53 5.20 20.81 -28.96
C PRO B 53 6.70 21.10 -29.06
N LYS B 54 7.10 22.32 -28.67
CA LYS B 54 8.49 22.76 -28.73
C LYS B 54 9.31 22.01 -27.71
N ILE B 55 8.66 21.62 -26.63
CA ILE B 55 9.34 20.93 -25.54
C ILE B 55 9.29 19.41 -25.79
N ALA B 56 8.12 18.93 -26.23
CA ALA B 56 7.88 17.48 -26.46
C ALA B 56 8.78 16.93 -27.54
N GLU B 57 9.31 17.85 -28.32
CA GLU B 57 9.97 17.51 -29.54
C GLU B 57 11.43 17.26 -29.15
N LYS B 58 11.79 17.75 -27.99
CA LYS B 58 13.16 17.76 -27.56
C LYS B 58 13.39 16.92 -26.31
N TYR B 59 12.33 16.69 -25.53
CA TYR B 59 12.48 15.98 -24.26
C TYR B 59 11.54 14.80 -24.11
N ASN B 60 11.98 13.77 -23.37
CA ASN B 60 11.07 12.72 -22.85
C ASN B 60 10.80 12.88 -21.34
N VAL B 61 9.56 12.63 -20.93
CA VAL B 61 9.23 12.66 -19.49
C VAL B 61 8.75 11.28 -19.08
N SER B 62 9.26 10.78 -17.96
CA SER B 62 8.80 9.45 -17.53
C SER B 62 8.55 9.40 -16.03
N VAL B 63 7.82 8.38 -15.59
CA VAL B 63 7.55 8.21 -14.14
C VAL B 63 8.30 6.98 -13.57
N HIS B 64 8.78 7.06 -12.34
CA HIS B 64 9.57 5.99 -11.75
C HIS B 64 9.20 5.74 -10.28
N PHE B 65 9.38 4.50 -9.86
CA PHE B 65 8.96 4.01 -8.56
C PHE B 65 10.05 3.12 -8.00
N VAL B 66 10.34 3.22 -6.72
CA VAL B 66 11.33 2.36 -6.12
C VAL B 66 10.62 1.09 -5.70
N ASN B 67 9.32 1.25 -5.45
CA ASN B 67 8.54 0.27 -4.73
C ASN B 67 7.14 0.26 -5.31
N LYS B 68 6.88 -0.73 -6.17
CA LYS B 68 5.59 -0.92 -6.82
C LYS B 68 4.42 -1.02 -5.85
N GLU B 69 4.71 -1.28 -4.57
CA GLU B 69 3.65 -1.21 -3.54
C GLU B 69 3.60 0.16 -2.83
N LYS B 70 4.40 1.08 -3.30
CA LYS B 70 4.25 2.47 -2.86
C LYS B 70 4.26 3.40 -4.08
N PRO B 71 3.20 3.32 -4.90
CA PRO B 71 3.17 4.12 -6.12
C PRO B 71 2.92 5.61 -5.92
N ARG B 72 2.36 6.04 -4.78
CA ARG B 72 2.26 7.47 -4.47
C ARG B 72 3.60 8.14 -4.23
N ALA B 73 4.63 7.33 -3.94
CA ALA B 73 6.00 7.83 -3.88
C ALA B 73 6.69 7.65 -5.23
N TYR B 74 6.52 8.61 -6.13
CA TYR B 74 7.10 8.44 -7.48
C TYR B 74 7.93 9.69 -7.79
N SER B 75 8.74 9.61 -8.83
CA SER B 75 9.46 10.76 -9.37
C SER B 75 9.28 10.86 -10.88
N LEU B 76 9.41 12.09 -11.39
CA LEU B 76 9.32 12.38 -12.81
C LEU B 76 10.72 12.74 -13.24
N VAL B 77 11.12 12.27 -14.41
CA VAL B 77 12.46 12.49 -14.94
C VAL B 77 12.28 13.09 -16.35
N GLY B 78 12.84 14.29 -16.58
CA GLY B 78 12.82 14.94 -17.89
C GLY B 78 14.22 14.93 -18.51
N VAL B 79 14.39 14.21 -19.62
CA VAL B 79 15.67 14.19 -20.28
C VAL B 79 15.56 14.45 -21.78
N PRO B 80 16.62 15.00 -22.37
CA PRO B 80 16.61 15.25 -23.77
C PRO B 80 16.48 13.97 -24.60
N LYS B 81 15.79 14.06 -25.73
CA LYS B 81 15.83 12.97 -26.70
C LYS B 81 17.28 12.61 -27.11
N THR B 82 17.49 11.33 -27.34
CA THR B 82 18.80 10.78 -27.63
C THR B 82 19.45 11.36 -28.88
N GLY B 83 20.70 11.75 -28.75
CA GLY B 83 21.52 12.10 -29.90
C GLY B 83 21.38 13.54 -30.30
N THR B 84 20.59 14.30 -29.52
CA THR B 84 20.25 15.69 -29.84
C THR B 84 21.25 16.75 -29.45
N GLY B 85 22.25 16.40 -28.64
CA GLY B 85 23.25 17.38 -28.23
C GLY B 85 22.88 18.08 -26.93
N TYR B 86 21.61 17.96 -26.54
CA TYR B 86 21.15 18.53 -25.28
C TYR B 86 21.55 17.59 -24.11
N THR B 87 21.79 18.16 -22.95
CA THR B 87 22.20 17.43 -21.78
C THR B 87 21.36 17.86 -20.56
N LEU B 88 21.07 19.17 -20.47
CA LEU B 88 20.34 19.71 -19.33
C LEU B 88 19.03 18.97 -19.12
N SER B 89 18.80 18.51 -17.89
CA SER B 89 17.63 17.71 -17.56
C SER B 89 16.94 18.27 -16.31
N VAL B 90 15.87 17.59 -15.87
CA VAL B 90 15.11 17.94 -14.66
C VAL B 90 14.65 16.64 -13.99
N TRP B 91 14.56 16.58 -12.67
CA TRP B 91 13.74 15.52 -12.03
C TRP B 91 12.96 16.07 -10.87
N MET B 92 11.88 15.39 -10.48
CA MET B 92 11.11 15.80 -9.29
C MET B 92 10.37 14.66 -8.57
N ASN B 93 10.17 14.89 -7.26
CA ASN B 93 9.36 14.12 -6.29
C ASN B 93 7.86 14.22 -6.58
N SER B 94 7.10 13.18 -6.20
CA SER B 94 5.67 13.31 -6.02
C SER B 94 5.26 14.24 -4.87
N VAL B 95 6.13 14.47 -3.89
CA VAL B 95 5.85 15.47 -2.82
C VAL B 95 6.24 16.91 -3.19
N GLY B 96 6.78 17.09 -4.38
CA GLY B 96 7.01 18.44 -4.90
C GLY B 96 8.43 19.00 -4.82
N ASP B 97 9.43 18.21 -4.44
CA ASP B 97 10.78 18.73 -4.52
C ASP B 97 11.21 18.58 -5.97
N GLY B 98 11.73 19.65 -6.57
CA GLY B 98 12.09 19.71 -7.99
C GLY B 98 13.56 20.08 -8.16
N TYR B 99 14.20 19.53 -9.19
CA TYR B 99 15.64 19.71 -9.40
C TYR B 99 15.96 19.98 -10.86
N LYS B 100 16.89 20.89 -11.12
CA LYS B 100 17.43 21.08 -12.47
C LYS B 100 18.77 20.42 -12.50
N CYS B 101 19.00 19.60 -13.52
CA CYS B 101 20.25 18.80 -13.61
C CYS B 101 21.09 19.10 -14.86
N ARG B 102 22.40 19.03 -14.68
CA ARG B 102 23.39 19.22 -15.75
C ARG B 102 23.46 18.12 -16.82
N ASP B 103 22.84 16.96 -16.60
CA ASP B 103 22.96 15.80 -17.50
C ASP B 103 21.87 14.87 -17.17
N ALA B 104 21.50 13.97 -18.11
CA ALA B 104 20.39 12.97 -17.97
C ALA B 104 20.64 11.94 -16.85
N ALA B 105 21.87 11.50 -16.74
CA ALA B 105 22.23 10.51 -15.76
C ALA B 105 21.94 11.01 -14.36
N SER B 106 22.37 12.26 -14.07
CA SER B 106 22.07 12.89 -12.77
C SER B 106 20.56 12.92 -12.49
N ALA B 107 19.78 13.19 -13.55
CA ALA B 107 18.33 13.21 -13.40
C ALA B 107 17.84 11.82 -13.12
N ARG B 108 18.32 10.85 -13.90
CA ARG B 108 18.00 9.42 -13.66
C ARG B 108 18.45 8.90 -12.29
N ALA B 109 19.50 9.49 -11.74
CA ALA B 109 19.97 9.12 -10.38
C ALA B 109 19.31 9.91 -9.22
N HIS B 110 18.48 10.90 -9.59
CA HIS B 110 17.77 11.77 -8.65
C HIS B 110 18.73 12.39 -7.67
N LEU B 111 19.84 12.90 -8.16
CA LEU B 111 20.81 13.56 -7.29
C LEU B 111 20.23 14.89 -6.82
N GLU B 112 20.70 15.34 -5.67
CA GLU B 112 20.11 16.46 -4.96
C GLU B 112 21.06 17.63 -4.90
N THR B 113 22.31 17.43 -5.26
CA THR B 113 23.33 18.50 -5.20
C THR B 113 24.23 18.36 -6.43
N LEU B 114 25.17 19.30 -6.59
CA LEU B 114 26.14 19.40 -7.68
C LEU B 114 27.55 19.03 -7.20
N SER B 115 28.37 18.46 -8.07
CA SER B 115 29.76 18.21 -7.70
C SER B 115 30.48 18.37 -8.98
N SER B 116 31.36 19.36 -9.01
CA SER B 116 31.96 19.86 -10.24
C SER B 116 30.86 20.26 -11.18
N ASP B 117 30.81 19.67 -12.35
CA ASP B 117 29.83 20.08 -13.33
C ASP B 117 28.83 18.94 -13.57
N VAL B 118 28.62 18.12 -12.54
CA VAL B 118 27.75 16.93 -12.58
C VAL B 118 26.75 17.07 -11.44
N GLY B 119 25.56 16.50 -11.57
CA GLY B 119 24.58 16.49 -10.48
C GLY B 119 23.33 17.28 -10.78
N CYS B 120 22.59 17.64 -9.72
CA CYS B 120 21.41 18.50 -9.83
C CYS B 120 21.37 19.58 -8.74
N GLU B 121 20.62 20.65 -8.98
CA GLU B 121 20.28 21.61 -7.90
C GLU B 121 18.79 21.86 -7.66
N ALA B 122 18.40 21.89 -6.38
CA ALA B 122 17.02 22.19 -5.98
C ALA B 122 16.50 23.41 -6.71
N PHE B 123 15.32 23.27 -7.29
CA PHE B 123 14.60 24.34 -7.98
C PHE B 123 13.12 24.29 -7.65
N GLU C 5 5.49 -9.91 30.60
CA GLU C 5 5.29 -8.83 29.60
C GLU C 5 6.55 -7.93 29.48
N LYS C 6 7.47 -8.08 30.41
CA LYS C 6 8.73 -7.34 30.38
C LYS C 6 9.84 -8.14 29.67
N GLY C 7 9.65 -9.51 29.70
CA GLY C 7 10.54 -10.36 28.92
C GLY C 7 10.30 -10.04 27.45
N TYR C 8 9.02 -9.98 27.09
CA TYR C 8 8.62 -9.71 25.73
C TYR C 8 9.17 -8.38 25.30
N GLN C 9 9.12 -7.38 26.19
CA GLN C 9 9.66 -6.07 25.89
C GLN C 9 11.14 -6.16 25.48
N SER C 10 11.89 -7.00 26.20
CA SER C 10 13.33 -7.10 26.00
C SER C 10 13.67 -7.75 24.68
N GLN C 11 12.86 -8.72 24.24
CA GLN C 11 13.14 -9.40 22.98
C GLN C 11 12.81 -8.49 21.78
N LEU C 12 11.67 -7.82 21.90
CA LEU C 12 11.24 -6.82 20.94
C LEU C 12 12.43 -5.91 20.71
N TYR C 13 12.91 -5.31 21.81
CA TYR C 13 14.06 -4.38 21.76
C TYR C 13 15.26 -5.01 21.04
N THR C 14 15.63 -6.21 21.44
CA THR C 14 16.71 -6.89 20.72
C THR C 14 16.38 -7.06 19.23
N GLU C 15 15.10 -7.32 18.96
CA GLU C 15 14.64 -7.49 17.58
C GLU C 15 14.72 -6.16 16.83
N MET C 16 14.45 -5.06 17.54
CA MET C 16 14.44 -3.74 16.92
C MET C 16 15.87 -3.23 16.64
N VAL C 17 16.82 -3.65 17.48
CA VAL C 17 18.23 -3.30 17.29
C VAL C 17 18.76 -3.89 15.98
N GLY C 18 18.36 -5.14 15.72
CA GLY C 18 18.65 -5.79 14.44
C GLY C 18 18.18 -4.98 13.23
N ILE C 19 16.93 -4.50 13.32
CA ILE C 19 16.31 -3.68 12.29
C ILE C 19 17.08 -2.36 12.14
N ASN C 20 17.46 -1.79 13.27
CA ASN C 20 18.18 -0.53 13.27
C ASN C 20 19.55 -0.71 12.59
N ASN C 21 20.25 -1.77 12.98
CA ASN C 21 21.53 -2.13 12.38
C ASN C 21 21.53 -2.23 10.85
N ILE C 22 20.62 -3.05 10.32
CA ILE C 22 20.43 -3.16 8.87
C ILE C 22 19.93 -1.85 8.23
N SER C 23 19.14 -1.08 8.97
CA SER C 23 18.60 0.16 8.42
C SER C 23 19.67 1.23 8.29
N LYS C 24 20.52 1.34 9.30
CA LYS C 24 21.61 2.31 9.32
C LYS C 24 22.71 1.94 8.30
N GLN C 25 23.10 0.68 8.29
CA GLN C 25 23.95 0.13 7.24
C GLN C 25 23.47 0.59 5.87
N PHE C 26 22.20 0.29 5.60
CA PHE C 26 21.59 0.58 4.30
C PHE C 26 21.63 2.05 3.90
N ILE C 27 21.33 2.93 4.84
CA ILE C 27 21.49 4.35 4.59
C ILE C 27 22.93 4.77 4.29
N LEU C 28 23.88 4.27 5.08
CA LEU C 28 25.28 4.63 4.86
C LEU C 28 25.82 4.20 3.50
N LYS C 29 25.41 3.01 3.06
CA LYS C 29 25.93 2.49 1.80
C LYS C 29 25.10 2.91 0.58
N ASN C 30 23.99 3.62 0.83
CA ASN C 30 23.19 4.16 -0.27
C ASN C 30 23.01 5.68 -0.30
N PRO C 31 24.14 6.42 -0.34
CA PRO C 31 24.11 7.88 -0.23
C PRO C 31 23.49 8.60 -1.45
N LEU C 32 23.43 7.94 -2.60
CA LEU C 32 22.90 8.62 -3.77
C LEU C 32 21.41 8.35 -3.96
N ASP C 33 20.84 7.54 -3.06
CA ASP C 33 19.38 7.47 -2.97
C ASP C 33 18.89 8.84 -2.44
N ASP C 34 17.83 9.39 -3.05
CA ASP C 34 17.28 10.68 -2.65
C ASP C 34 16.44 10.50 -1.41
N ASN C 35 16.20 11.60 -0.68
CA ASN C 35 15.35 11.49 0.51
C ASN C 35 14.15 10.54 0.35
N GLN C 36 13.28 10.78 -0.61
CA GLN C 36 12.06 9.97 -0.63
C GLN C 36 12.39 8.55 -0.98
N THR C 37 13.39 8.31 -1.80
CA THR C 37 13.77 6.91 -2.04
C THR C 37 14.24 6.15 -0.77
N ILE C 38 15.09 6.79 0.02
CA ILE C 38 15.54 6.31 1.33
C ILE C 38 14.37 6.03 2.29
N LYS C 39 13.47 6.98 2.42
CA LYS C 39 12.28 6.80 3.23
C LYS C 39 11.45 5.56 2.77
N SER C 40 11.08 5.53 1.49
CA SER C 40 10.34 4.40 0.95
C SER C 40 11.02 3.04 1.16
N LYS C 41 12.34 2.98 1.01
CA LYS C 41 13.00 1.70 1.17
C LYS C 41 12.93 1.27 2.64
N LEU C 42 13.27 2.19 3.53
CA LEU C 42 13.16 1.92 4.95
C LEU C 42 11.73 1.49 5.34
N GLU C 43 10.74 2.21 4.84
CA GLU C 43 9.32 1.84 5.07
C GLU C 43 9.03 0.42 4.60
N ARG C 44 9.45 0.10 3.40
CA ARG C 44 9.26 -1.24 2.89
C ARG C 44 10.09 -2.27 3.67
N PHE C 45 11.30 -1.91 4.09
CA PHE C 45 12.12 -2.88 4.81
C PHE C 45 11.52 -3.21 6.17
N VAL C 46 11.23 -2.17 6.94
CA VAL C 46 10.80 -2.31 8.31
C VAL C 46 9.42 -2.95 8.45
N SER C 47 8.48 -2.55 7.58
CA SER C 47 7.13 -3.08 7.66
C SER C 47 7.03 -4.47 7.05
N GLY C 48 7.99 -4.83 6.20
CA GLY C 48 8.08 -6.19 5.70
C GLY C 48 8.85 -7.08 6.67
N TYR C 49 9.49 -6.47 7.66
CA TYR C 49 10.37 -7.20 8.54
C TYR C 49 9.65 -8.30 9.34
N LYS C 50 10.22 -9.50 9.29
CA LYS C 50 9.64 -10.63 10.04
C LYS C 50 10.53 -10.98 11.22
N MET C 51 10.04 -10.61 12.40
CA MET C 51 10.73 -10.87 13.67
C MET C 51 10.47 -12.31 14.08
N ASN C 52 10.95 -12.67 15.26
CA ASN C 52 10.59 -13.94 15.83
C ASN C 52 9.06 -14.06 15.97
N PRO C 53 8.48 -15.17 15.47
CA PRO C 53 7.02 -15.35 15.42
C PRO C 53 6.28 -15.03 16.74
N LYS C 54 6.95 -15.19 17.87
CA LYS C 54 6.35 -14.86 19.17
C LYS C 54 6.52 -13.37 19.54
N ILE C 55 7.44 -12.70 18.85
CA ILE C 55 7.54 -11.24 18.99
C ILE C 55 6.62 -10.57 17.98
N ALA C 56 6.68 -11.00 16.72
CA ALA C 56 5.76 -10.52 15.68
C ALA C 56 4.28 -10.60 16.13
N GLU C 57 3.97 -11.64 16.91
CA GLU C 57 2.65 -11.96 17.42
C GLU C 57 2.05 -10.82 18.23
N LYS C 58 2.94 -10.14 18.95
CA LYS C 58 2.60 -9.18 19.99
C LYS C 58 2.73 -7.73 19.56
N TYR C 59 3.70 -7.50 18.67
CA TYR C 59 4.23 -6.17 18.46
C TYR C 59 4.27 -5.78 16.99
N ASN C 60 3.94 -4.51 16.73
CA ASN C 60 4.14 -3.87 15.43
C ASN C 60 5.34 -2.95 15.54
N VAL C 61 6.29 -3.08 14.61
CA VAL C 61 7.43 -2.16 14.54
C VAL C 61 7.30 -1.21 13.33
N SER C 62 7.52 0.08 13.55
CA SER C 62 7.37 1.06 12.51
C SER C 62 8.50 2.10 12.50
N VAL C 63 8.72 2.71 11.33
CA VAL C 63 9.79 3.66 11.14
C VAL C 63 9.23 5.04 10.87
N HIS C 64 9.92 6.06 11.36
CA HIS C 64 9.41 7.43 11.27
C HIS C 64 10.58 8.39 11.07
N PHE C 65 10.32 9.50 10.38
CA PHE C 65 11.35 10.47 10.05
C PHE C 65 10.94 11.85 10.53
N VAL C 66 11.06 12.11 11.83
CA VAL C 66 10.57 13.38 12.38
C VAL C 66 11.45 14.57 12.00
N ARG C 72 17.01 11.48 6.48
CA ARG C 72 17.93 10.05 6.68
C ARG C 72 18.30 9.83 8.18
N ALA C 73 17.74 10.72 9.08
CA ALA C 73 17.71 10.36 10.50
C ALA C 73 16.32 9.76 10.82
N TYR C 74 16.29 8.54 11.31
CA TYR C 74 15.02 7.86 11.55
C TYR C 74 14.88 7.38 13.02
N SER C 75 13.68 6.95 13.37
CA SER C 75 13.44 6.28 14.63
C SER C 75 12.52 5.08 14.38
N LEU C 76 12.69 4.05 15.20
CA LEU C 76 11.85 2.88 15.21
C LEU C 76 10.87 2.90 16.41
N VAL C 77 9.61 2.53 16.17
CA VAL C 77 8.63 2.43 17.23
C VAL C 77 8.06 1.01 17.23
N GLY C 78 8.07 0.39 18.41
CA GLY C 78 7.56 -0.96 18.59
C GLY C 78 6.47 -0.85 19.64
N VAL C 79 5.24 -1.20 19.27
CA VAL C 79 4.09 -1.13 20.21
C VAL C 79 3.23 -2.36 20.09
N PRO C 80 2.52 -2.72 21.17
CA PRO C 80 1.59 -3.83 21.16
C PRO C 80 0.47 -3.74 20.13
N LYS C 81 0.18 -4.89 19.53
CA LYS C 81 -0.97 -5.05 18.68
C LYS C 81 -2.23 -5.03 19.51
N THR C 82 -3.29 -4.53 18.88
CA THR C 82 -4.64 -4.60 19.44
C THR C 82 -4.95 -6.05 19.86
N GLY C 83 -5.75 -6.21 20.92
CA GLY C 83 -6.15 -7.54 21.37
C GLY C 83 -5.09 -8.29 22.18
N THR C 84 -3.94 -7.69 22.44
CA THR C 84 -2.92 -8.41 23.20
C THR C 84 -3.06 -8.26 24.70
N GLY C 85 -3.67 -7.16 25.15
CA GLY C 85 -3.72 -6.84 26.59
C GLY C 85 -2.38 -6.34 27.12
N TYR C 86 -1.46 -6.12 26.19
CA TYR C 86 -0.09 -5.66 26.41
C TYR C 86 -0.02 -4.17 26.31
N THR C 87 1.01 -3.57 26.89
CA THR C 87 1.08 -2.12 26.92
C THR C 87 2.49 -1.60 26.81
N LEU C 88 3.48 -2.41 27.22
CA LEU C 88 4.87 -1.94 27.23
C LEU C 88 5.42 -1.84 25.80
N SER C 89 6.28 -0.85 25.57
CA SER C 89 6.69 -0.48 24.23
C SER C 89 8.17 -0.17 24.17
N VAL C 90 8.64 0.19 22.97
CA VAL C 90 10.02 0.51 22.75
C VAL C 90 10.08 1.60 21.69
N TRP C 91 11.12 2.42 21.77
CA TRP C 91 11.55 3.18 20.59
C TRP C 91 13.02 3.44 20.65
N MET C 92 13.62 3.65 19.49
CA MET C 92 15.05 3.90 19.42
C MET C 92 15.37 4.72 18.17
N ASN C 93 16.56 5.30 18.16
CA ASN C 93 17.05 6.23 17.15
C ASN C 93 17.87 5.57 16.08
N SER C 94 18.18 6.35 15.05
CA SER C 94 19.06 5.95 13.98
C SER C 94 20.49 6.28 14.36
N VAL C 95 20.63 6.90 15.53
CA VAL C 95 21.95 7.20 16.10
C VAL C 95 22.22 6.37 17.35
N GLY C 96 21.43 5.33 17.57
CA GLY C 96 21.69 4.38 18.65
C GLY C 96 21.20 4.69 20.07
N ASP C 97 20.29 5.65 20.22
CA ASP C 97 19.56 5.85 21.48
C ASP C 97 18.34 4.95 21.48
N GLY C 98 18.20 4.13 22.51
CA GLY C 98 17.09 3.18 22.63
C GLY C 98 16.44 3.23 24.01
N TYR C 99 15.12 3.37 24.00
CA TYR C 99 14.31 3.53 25.21
C TYR C 99 13.36 2.37 25.42
N LYS C 100 12.96 2.17 26.68
CA LYS C 100 11.88 1.24 27.08
C LYS C 100 10.71 2.06 27.60
N CYS C 101 9.51 1.74 27.14
CA CYS C 101 8.35 2.57 27.44
C CYS C 101 7.28 1.78 28.19
N ARG C 102 6.34 2.48 28.83
CA ARG C 102 5.32 1.87 29.67
C ARG C 102 3.99 1.65 28.95
N ASP C 103 3.69 2.54 28.01
CA ASP C 103 2.52 2.41 27.15
C ASP C 103 2.95 2.77 25.73
N ALA C 104 1.98 2.75 24.82
CA ALA C 104 2.27 2.89 23.41
C ALA C 104 2.41 4.38 23.03
N ALA C 105 1.48 5.21 23.52
CA ALA C 105 1.52 6.66 23.31
C ALA C 105 2.84 7.39 23.65
N SER C 106 3.59 6.86 24.63
CA SER C 106 4.89 7.42 24.99
C SER C 106 5.96 7.07 23.95
N ALA C 107 5.89 5.86 23.43
CA ALA C 107 6.88 5.38 22.47
C ALA C 107 6.66 6.07 21.14
N ARG C 108 5.40 6.46 20.88
CA ARG C 108 5.04 7.30 19.71
C ARG C 108 5.52 8.74 19.87
N ALA C 109 5.51 9.23 21.10
CA ALA C 109 5.84 10.63 21.35
C ALA C 109 7.32 10.79 21.61
N HIS C 110 8.01 9.66 21.68
CA HIS C 110 9.48 9.60 21.83
C HIS C 110 9.95 10.18 23.16
N LEU C 111 9.18 9.94 24.20
CA LEU C 111 9.47 10.47 25.53
C LEU C 111 10.79 9.88 26.03
N GLU C 112 11.56 10.67 26.76
CA GLU C 112 12.93 10.28 27.11
C GLU C 112 13.15 10.01 28.60
N THR C 113 12.15 10.36 29.42
CA THR C 113 12.18 10.14 30.86
C THR C 113 10.84 9.57 31.36
N LEU C 114 10.75 9.29 32.65
CA LEU C 114 9.53 8.74 33.23
C LEU C 114 8.82 9.79 34.10
N SER C 115 7.51 9.92 33.93
CA SER C 115 6.73 10.87 34.73
C SER C 115 5.37 10.29 35.16
N VAL C 118 3.91 7.08 33.12
CA VAL C 118 4.05 7.31 31.67
C VAL C 118 5.51 7.56 31.28
N GLY C 119 5.77 7.73 29.98
CA GLY C 119 7.11 8.08 29.53
C GLY C 119 7.98 6.87 29.22
N CYS C 120 9.27 7.13 29.02
CA CYS C 120 10.25 6.08 28.75
C CYS C 120 11.54 6.36 29.53
N GLU C 121 12.49 5.43 29.48
CA GLU C 121 13.83 5.68 30.02
C GLU C 121 14.86 4.95 29.16
N ALA C 122 16.09 5.50 29.13
CA ALA C 122 17.15 4.94 28.27
C ALA C 122 17.50 3.48 28.58
N PHE D 4 16.23 -19.80 -23.55
CA PHE D 4 16.26 -19.52 -22.07
C PHE D 4 14.97 -18.90 -21.51
N GLU D 5 14.33 -17.99 -22.25
CA GLU D 5 13.11 -17.33 -21.75
C GLU D 5 11.84 -18.22 -21.75
N LYS D 6 11.72 -19.09 -22.76
CA LYS D 6 10.67 -20.12 -22.81
C LYS D 6 10.77 -21.00 -21.57
N GLY D 7 12.01 -21.43 -21.30
CA GLY D 7 12.36 -22.17 -20.08
C GLY D 7 11.94 -21.45 -18.82
N TYR D 8 12.23 -20.15 -18.76
CA TYR D 8 11.77 -19.30 -17.65
C TYR D 8 10.22 -19.22 -17.58
N GLN D 9 9.58 -19.03 -18.74
CA GLN D 9 8.12 -18.96 -18.85
C GLN D 9 7.51 -20.25 -18.38
N SER D 10 8.17 -21.34 -18.72
CA SER D 10 7.74 -22.65 -18.30
C SER D 10 7.87 -22.90 -16.77
N GLN D 11 8.93 -22.38 -16.15
CA GLN D 11 9.11 -22.55 -14.71
C GLN D 11 8.17 -21.60 -13.96
N LEU D 12 7.83 -20.50 -14.61
CA LEU D 12 6.82 -19.58 -14.09
C LEU D 12 5.42 -20.18 -14.10
N TYR D 13 5.09 -20.95 -15.13
CA TYR D 13 3.77 -21.57 -15.16
C TYR D 13 3.59 -22.58 -14.01
N THR D 14 4.62 -23.38 -13.75
CA THR D 14 4.64 -24.33 -12.61
C THR D 14 4.65 -23.62 -11.28
N GLU D 15 5.49 -22.61 -11.17
CA GLU D 15 5.52 -21.78 -9.98
C GLU D 15 4.11 -21.23 -9.61
N MET D 16 3.40 -20.64 -10.56
CA MET D 16 2.02 -20.18 -10.31
C MET D 16 0.99 -21.32 -10.24
N VAL D 17 1.29 -22.47 -10.84
CA VAL D 17 0.46 -23.67 -10.54
C VAL D 17 0.50 -23.84 -9.02
N GLY D 18 1.70 -23.90 -8.46
CA GLY D 18 1.86 -24.01 -7.01
C GLY D 18 0.93 -23.04 -6.29
N ILE D 19 1.08 -21.74 -6.59
CA ILE D 19 0.31 -20.68 -5.93
C ILE D 19 -1.20 -20.89 -6.03
N ASN D 20 -1.69 -21.32 -7.20
CA ASN D 20 -3.13 -21.59 -7.42
C ASN D 20 -3.61 -22.60 -6.42
N ASN D 21 -2.78 -23.63 -6.20
CA ASN D 21 -3.14 -24.73 -5.30
C ASN D 21 -3.33 -24.24 -3.88
N ILE D 22 -2.39 -23.45 -3.36
CA ILE D 22 -2.58 -22.95 -1.98
C ILE D 22 -3.68 -21.89 -1.87
N SER D 23 -3.96 -21.21 -2.96
CA SER D 23 -4.93 -20.13 -2.93
C SER D 23 -6.35 -20.71 -2.94
N LYS D 24 -6.55 -21.77 -3.70
CA LYS D 24 -7.81 -22.52 -3.68
C LYS D 24 -8.17 -22.98 -2.25
N GLN D 25 -7.18 -23.47 -1.51
CA GLN D 25 -7.38 -23.91 -0.13
C GLN D 25 -7.84 -22.78 0.79
N PHE D 26 -7.09 -21.68 0.80
CA PHE D 26 -7.40 -20.55 1.69
C PHE D 26 -8.84 -20.08 1.58
N ILE D 27 -9.32 -19.95 0.34
CA ILE D 27 -10.69 -19.58 0.10
C ILE D 27 -11.67 -20.60 0.63
N LEU D 28 -11.46 -21.86 0.30
CA LEU D 28 -12.35 -22.92 0.79
C LEU D 28 -12.37 -22.96 2.31
N LYS D 29 -11.20 -22.79 2.93
CA LYS D 29 -11.09 -22.81 4.38
C LYS D 29 -11.72 -21.61 5.12
N ASN D 30 -12.10 -20.56 4.39
CA ASN D 30 -12.50 -19.29 5.01
C ASN D 30 -13.77 -18.69 4.45
N PRO D 31 -14.90 -19.44 4.54
CA PRO D 31 -16.14 -19.02 3.87
C PRO D 31 -16.94 -17.91 4.62
N LEU D 32 -16.47 -17.58 5.92
CA LEU D 32 -17.12 -16.49 6.70
C LEU D 32 -16.25 -15.24 6.67
N ASP D 33 -15.03 -15.29 5.75
CA ASP D 33 -14.44 -14.02 5.40
C ASP D 33 -15.39 -13.43 4.32
N ASP D 34 -15.69 -12.14 4.41
CA ASP D 34 -16.57 -11.51 3.44
C ASP D 34 -15.80 -11.31 2.13
N ASN D 35 -16.52 -10.99 1.06
CA ASN D 35 -15.84 -10.81 -0.23
C ASN D 35 -14.52 -9.99 -0.11
N GLN D 36 -14.58 -8.78 0.44
CA GLN D 36 -13.39 -7.92 0.46
C GLN D 36 -12.27 -8.39 1.37
N THR D 37 -12.60 -8.94 2.51
CA THR D 37 -11.59 -9.60 3.37
C THR D 37 -10.79 -10.69 2.65
N ILE D 38 -11.50 -11.49 1.88
CA ILE D 38 -10.91 -12.65 1.20
C ILE D 38 -9.95 -12.18 0.14
N LYS D 39 -10.41 -11.21 -0.62
CA LYS D 39 -9.59 -10.56 -1.62
C LYS D 39 -8.33 -9.93 -1.01
N SER D 40 -8.47 -9.10 0.01
CA SER D 40 -7.30 -8.51 0.68
C SER D 40 -6.29 -9.57 1.13
N LYS D 41 -6.75 -10.67 1.72
CA LYS D 41 -5.85 -11.69 2.24
C LYS D 41 -5.12 -12.41 1.12
N LEU D 42 -5.86 -12.86 0.10
CA LEU D 42 -5.17 -13.44 -1.06
C LEU D 42 -4.16 -12.44 -1.67
N GLU D 43 -4.58 -11.20 -1.85
CA GLU D 43 -3.66 -10.19 -2.31
C GLU D 43 -2.38 -10.17 -1.48
N ARG D 44 -2.51 -10.10 -0.16
CA ARG D 44 -1.37 -10.09 0.72
C ARG D 44 -0.59 -11.40 0.62
N PHE D 45 -1.31 -12.50 0.59
CA PHE D 45 -0.65 -13.78 0.41
C PHE D 45 0.18 -13.82 -0.89
N VAL D 46 -0.50 -13.65 -2.01
CA VAL D 46 0.17 -13.73 -3.32
C VAL D 46 1.28 -12.67 -3.46
N SER D 47 1.06 -11.52 -2.83
CA SER D 47 2.00 -10.42 -2.87
C SER D 47 3.34 -10.85 -2.33
N GLY D 48 3.38 -11.25 -1.05
CA GLY D 48 4.63 -11.59 -0.40
C GLY D 48 5.00 -13.05 -0.55
N TYR D 49 4.44 -13.70 -1.56
CA TYR D 49 4.81 -15.06 -1.87
C TYR D 49 6.24 -15.02 -2.40
N LYS D 50 6.99 -16.10 -2.19
CA LYS D 50 8.37 -16.18 -2.66
C LYS D 50 8.64 -17.37 -3.60
N MET D 51 8.74 -17.05 -4.89
CA MET D 51 9.14 -18.00 -5.90
C MET D 51 10.67 -18.19 -5.76
N ASN D 52 11.27 -19.14 -6.50
CA ASN D 52 12.74 -19.21 -6.53
C ASN D 52 13.22 -17.78 -6.64
N PRO D 53 14.25 -17.42 -5.87
CA PRO D 53 14.66 -16.04 -6.00
C PRO D 53 15.02 -15.68 -7.46
N LYS D 54 15.01 -16.68 -8.34
CA LYS D 54 15.45 -16.52 -9.73
C LYS D 54 14.25 -16.32 -10.67
N ILE D 55 13.11 -16.85 -10.26
CA ILE D 55 11.87 -16.56 -10.94
C ILE D 55 11.35 -15.22 -10.46
N ALA D 56 11.51 -14.96 -9.17
CA ALA D 56 11.03 -13.74 -8.53
C ALA D 56 11.82 -12.54 -9.07
N GLU D 57 13.07 -12.79 -9.40
CA GLU D 57 13.91 -11.76 -10.00
C GLU D 57 13.35 -11.28 -11.37
N LYS D 58 12.50 -12.08 -12.01
CA LYS D 58 12.13 -11.92 -13.42
C LYS D 58 10.69 -11.50 -13.62
N TYR D 59 9.83 -11.92 -12.70
CA TYR D 59 8.41 -11.85 -12.87
C TYR D 59 7.70 -11.32 -11.63
N ASN D 60 6.61 -10.60 -11.86
CA ASN D 60 5.62 -10.25 -10.84
C ASN D 60 4.38 -11.13 -11.00
N VAL D 61 3.94 -11.74 -9.90
CA VAL D 61 2.68 -12.47 -9.90
C VAL D 61 1.60 -11.70 -9.12
N SER D 62 0.45 -11.50 -9.76
CA SER D 62 -0.66 -10.80 -9.11
C SER D 62 -1.98 -11.58 -9.20
N VAL D 63 -2.89 -11.29 -8.26
CA VAL D 63 -4.16 -11.97 -8.24
C VAL D 63 -5.27 -11.01 -8.55
N HIS D 64 -6.38 -11.54 -9.10
CA HIS D 64 -7.47 -10.72 -9.60
C HIS D 64 -8.79 -11.44 -9.52
N PHE D 65 -9.84 -10.67 -9.26
CA PHE D 65 -11.19 -11.18 -9.08
C PHE D 65 -12.20 -10.70 -10.15
N LYS D 70 -19.17 -12.60 -6.87
CA LYS D 70 -18.42 -13.84 -6.69
C LYS D 70 -16.92 -13.60 -6.69
N PRO D 71 -16.41 -12.80 -5.72
CA PRO D 71 -14.98 -12.57 -5.59
C PRO D 71 -14.27 -13.77 -4.99
N ARG D 72 -15.01 -14.85 -4.78
CA ARG D 72 -14.40 -16.12 -4.38
C ARG D 72 -13.71 -16.81 -5.58
N ALA D 73 -13.95 -16.30 -6.79
CA ALA D 73 -13.26 -16.81 -7.98
C ALA D 73 -12.16 -15.85 -8.43
N TYR D 74 -11.00 -16.37 -8.83
CA TYR D 74 -9.87 -15.50 -9.07
C TYR D 74 -8.91 -16.03 -10.14
N SER D 75 -8.10 -15.14 -10.70
CA SER D 75 -7.00 -15.58 -11.55
C SER D 75 -5.64 -15.09 -11.09
N LEU D 76 -4.61 -15.75 -11.58
CA LEU D 76 -3.25 -15.29 -11.38
C LEU D 76 -2.65 -14.91 -12.72
N VAL D 77 -2.04 -13.72 -12.77
CA VAL D 77 -1.35 -13.23 -13.91
C VAL D 77 0.13 -13.09 -13.53
N GLY D 78 1.01 -13.56 -14.40
CA GLY D 78 2.44 -13.43 -14.21
C GLY D 78 3.07 -12.79 -15.44
N VAL D 79 3.81 -11.71 -15.23
CA VAL D 79 4.33 -10.93 -16.33
C VAL D 79 5.73 -10.49 -15.94
N PRO D 80 6.61 -10.28 -16.92
CA PRO D 80 7.99 -9.92 -16.73
C PRO D 80 8.15 -8.59 -16.01
N LYS D 81 9.17 -8.50 -15.16
CA LYS D 81 9.50 -7.24 -14.60
C LYS D 81 10.08 -6.36 -15.70
N THR D 82 9.92 -5.06 -15.50
CA THR D 82 10.51 -4.02 -16.33
C THR D 82 12.01 -4.17 -16.24
N GLY D 83 12.68 -4.08 -17.39
CA GLY D 83 14.12 -4.05 -17.41
C GLY D 83 14.72 -5.41 -17.62
N THR D 84 13.88 -6.42 -17.86
CA THR D 84 14.35 -7.79 -18.02
C THR D 84 14.50 -8.15 -19.48
N GLY D 85 13.86 -7.39 -20.38
CA GLY D 85 13.83 -7.68 -21.82
C GLY D 85 12.82 -8.77 -22.20
N TYR D 86 12.10 -9.28 -21.20
CA TYR D 86 11.24 -10.46 -21.33
C TYR D 86 9.84 -10.06 -21.72
N THR D 87 9.06 -11.03 -22.23
CA THR D 87 7.75 -10.74 -22.82
C THR D 87 6.75 -11.85 -22.48
N LEU D 88 7.23 -13.08 -22.51
CA LEU D 88 6.37 -14.22 -22.40
C LEU D 88 5.69 -14.16 -21.04
N SER D 89 4.39 -14.36 -21.03
CA SER D 89 3.62 -14.19 -19.81
C SER D 89 2.69 -15.37 -19.49
N VAL D 90 1.94 -15.25 -18.39
CA VAL D 90 1.05 -16.34 -17.95
C VAL D 90 -0.22 -15.84 -17.25
N TRP D 91 -1.31 -16.58 -17.42
CA TRP D 91 -2.53 -16.40 -16.59
C TRP D 91 -3.28 -17.72 -16.46
N MET D 92 -4.00 -17.85 -15.37
CA MET D 92 -4.70 -19.07 -15.06
C MET D 92 -5.71 -18.67 -14.03
N ASN D 93 -6.76 -19.45 -13.88
CA ASN D 93 -7.81 -19.10 -12.94
C ASN D 93 -7.97 -20.19 -11.90
N SER D 94 -8.87 -19.96 -10.96
CA SER D 94 -9.02 -20.80 -9.78
C SER D 94 -9.68 -22.13 -10.07
N VAL D 95 -10.21 -22.28 -11.28
CA VAL D 95 -10.90 -23.51 -11.66
C VAL D 95 -10.08 -24.40 -12.59
N GLY D 96 -8.75 -24.24 -12.57
CA GLY D 96 -7.87 -25.19 -13.24
C GLY D 96 -7.44 -24.84 -14.66
N ASP D 97 -7.99 -23.76 -15.21
CA ASP D 97 -7.60 -23.28 -16.55
C ASP D 97 -6.28 -22.51 -16.57
N GLY D 98 -5.28 -23.03 -17.29
CA GLY D 98 -3.97 -22.40 -17.44
C GLY D 98 -3.67 -21.96 -18.87
N TYR D 99 -2.91 -20.88 -19.02
CA TYR D 99 -2.54 -20.35 -20.34
C TYR D 99 -1.15 -19.74 -20.36
N LYS D 100 -0.44 -20.03 -21.44
CA LYS D 100 0.85 -19.43 -21.71
C LYS D 100 0.69 -18.38 -22.80
N CYS D 101 1.21 -17.18 -22.54
CA CYS D 101 1.00 -16.01 -23.41
C CYS D 101 2.24 -15.43 -24.09
N ARG D 102 2.04 -14.74 -25.20
CA ARG D 102 3.16 -14.13 -25.95
C ARG D 102 3.66 -12.82 -25.29
N ASP D 103 2.74 -12.04 -24.74
CA ASP D 103 3.10 -10.76 -24.15
C ASP D 103 2.33 -10.53 -22.86
N ALA D 104 2.67 -9.45 -22.16
CA ALA D 104 2.03 -9.16 -20.88
C ALA D 104 0.59 -8.73 -21.10
N ALA D 105 0.33 -7.95 -22.16
CA ALA D 105 -1.05 -7.48 -22.44
C ALA D 105 -2.04 -8.65 -22.57
N SER D 106 -1.62 -9.74 -23.22
CA SER D 106 -2.52 -10.87 -23.41
C SER D 106 -2.85 -11.64 -22.13
N ALA D 107 -1.89 -11.72 -21.20
CA ALA D 107 -2.16 -12.45 -19.97
C ALA D 107 -3.08 -11.64 -19.09
N ARG D 108 -2.82 -10.35 -19.03
CA ARG D 108 -3.60 -9.44 -18.20
C ARG D 108 -5.05 -9.36 -18.68
N ALA D 109 -5.21 -9.56 -19.99
CA ALA D 109 -6.53 -9.57 -20.63
C ALA D 109 -7.13 -10.99 -20.64
N HIS D 110 -6.35 -11.97 -20.19
CA HIS D 110 -6.83 -13.34 -20.10
C HIS D 110 -7.32 -13.81 -21.48
N LEU D 111 -6.50 -13.59 -22.50
CA LEU D 111 -6.79 -14.11 -23.82
C LEU D 111 -6.68 -15.64 -23.89
N GLU D 112 -7.54 -16.23 -24.70
CA GLU D 112 -7.57 -17.67 -24.88
C GLU D 112 -7.09 -18.11 -26.28
N THR D 113 -7.03 -17.17 -27.22
CA THR D 113 -6.63 -17.49 -28.59
C THR D 113 -5.31 -16.84 -29.01
N LEU D 114 -4.45 -17.65 -29.62
CA LEU D 114 -3.26 -17.17 -30.33
C LEU D 114 -3.64 -16.38 -31.59
N SER D 115 -2.75 -15.48 -31.98
CA SER D 115 -3.01 -14.57 -33.09
C SER D 115 -1.78 -13.70 -33.40
N VAL D 118 0.86 -12.07 -30.84
CA VAL D 118 0.13 -11.87 -29.57
C VAL D 118 -0.79 -13.04 -29.21
N GLY D 119 -1.44 -12.95 -28.07
CA GLY D 119 -2.40 -13.96 -27.68
C GLY D 119 -1.86 -14.94 -26.66
N CYS D 120 -2.68 -15.93 -26.32
CA CYS D 120 -2.33 -17.01 -25.42
C CYS D 120 -2.83 -18.36 -25.97
N GLU D 121 -2.39 -19.45 -25.35
CA GLU D 121 -2.87 -20.78 -25.72
C GLU D 121 -2.87 -21.69 -24.50
N ALA D 122 -3.92 -22.49 -24.38
CA ALA D 122 -4.07 -23.37 -23.24
C ALA D 122 -2.86 -24.27 -23.10
N PHE D 123 -2.23 -24.27 -21.92
CA PHE D 123 -1.10 -25.14 -21.65
C PHE D 123 -1.57 -26.57 -21.40
#